data_2XJ4
#
_entry.id   2XJ4
#
_cell.length_a   81.334
_cell.length_b   81.334
_cell.length_c   124.206
_cell.angle_alpha   90.00
_cell.angle_beta   90.00
_cell.angle_gamma   120.00
#
_symmetry.space_group_name_H-M   'H 3'
#
loop_
_entity.id
_entity.type
_entity.pdbx_description
1 polymer MIPZ
2 water water
#
_entity_poly.entity_id   1
_entity_poly.type   'polypeptide(L)'
_entity_poly.pdbx_seq_one_letter_code
;MAETRVIVVGNEKGGAGKSTIAVHLVTALLYGGAKVAVIDLDLRQRTSARFFENRRAWLDNKKIELPEPLALNLSDNDVA
LAERPEEEQVAGFEAAFARAMAECDFILIDTPGGDSAITRMAHGRADLVVTPMNDSFVDFDMLGTVDPVTLELTKPSLYS
LTVWEGRKQRALSGQRQAMDWVVLRNRLATTEARNRKRLEDRLNALAKRVGFRIGPGLRDRVIYRELFPFGLTIADLSPQ
VRPVPVSLQHLAARQELRALMHSLGLSAYSGETMLAAQGSHHHHHH
;
_entity_poly.pdbx_strand_id   A
#
# COMPACT_ATOMS: atom_id res chain seq x y z
N THR A 4 15.12 -10.32 3.64
CA THR A 4 14.24 -9.10 3.50
C THR A 4 13.01 -9.41 2.67
N ARG A 5 11.81 -8.91 3.06
CA ARG A 5 10.62 -9.12 2.26
C ARG A 5 10.13 -7.79 1.71
N VAL A 6 9.78 -7.75 0.45
CA VAL A 6 9.38 -6.55 -0.22
C VAL A 6 7.90 -6.52 -0.44
N ILE A 7 7.26 -5.46 0.04
CA ILE A 7 5.81 -5.33 -0.06
C ILE A 7 5.55 -4.12 -0.97
N VAL A 8 4.74 -4.29 -2.03
CA VAL A 8 4.52 -3.20 -2.96
C VAL A 8 3.04 -2.82 -2.89
N VAL A 9 2.71 -1.53 -2.64
CA VAL A 9 1.29 -1.15 -2.52
C VAL A 9 1.00 -0.37 -3.77
N GLY A 10 -0.08 -0.71 -4.44
CA GLY A 10 -0.40 0.00 -5.74
C GLY A 10 -1.81 -0.29 -6.20
N ASN A 11 -2.29 0.58 -7.11
CA ASN A 11 -3.50 0.23 -7.87
C ASN A 11 -3.48 1.05 -9.15
N GLU A 12 -4.48 0.93 -9.99
CA GLU A 12 -4.37 1.48 -11.32
C GLU A 12 -4.40 3.00 -11.32
N LYS A 13 -5.20 3.63 -10.42
CA LYS A 13 -5.42 5.09 -10.50
C LYS A 13 -4.88 5.82 -9.29
N GLY A 14 -4.26 5.10 -8.33
CA GLY A 14 -3.67 5.78 -7.20
C GLY A 14 -4.71 6.13 -6.13
N GLY A 15 -5.92 5.57 -6.16
CA GLY A 15 -6.79 6.10 -5.12
C GLY A 15 -7.07 5.04 -4.04
N ALA A 16 -8.33 5.00 -3.53
CA ALA A 16 -8.71 3.94 -2.55
C ALA A 16 -7.82 3.96 -1.29
N GLY A 17 -7.42 5.17 -0.87
CA GLY A 17 -6.74 5.25 0.43
C GLY A 17 -5.39 4.55 0.36
N LYS A 18 -4.77 4.46 -0.83
CA LYS A 18 -3.57 3.61 -0.96
C LYS A 18 -2.44 4.05 -0.03
N SER A 19 -2.13 5.35 0.04
CA SER A 19 -1.01 5.80 0.87
C SER A 19 -1.35 5.77 2.36
N THR A 20 -2.63 5.92 2.74
CA THR A 20 -2.97 5.75 4.14
C THR A 20 -2.73 4.29 4.54
N ILE A 21 -3.12 3.33 3.66
CA ILE A 21 -2.81 1.93 3.98
C ILE A 21 -1.31 1.70 4.01
N ALA A 22 -0.55 2.26 3.04
CA ALA A 22 0.88 1.99 3.04
C ALA A 22 1.56 2.45 4.35
N VAL A 23 1.21 3.68 4.83
CA VAL A 23 1.96 4.20 6.00
C VAL A 23 1.49 3.48 7.29
N HIS A 24 0.24 2.98 7.31
CA HIS A 24 -0.21 2.18 8.47
C HIS A 24 0.43 0.79 8.45
N LEU A 25 0.69 0.20 7.28
CA LEU A 25 1.45 -1.06 7.23
C LEU A 25 2.87 -0.85 7.77
N VAL A 26 3.50 0.28 7.42
CA VAL A 26 4.81 0.53 7.85
C VAL A 26 4.80 0.68 9.39
N THR A 27 3.94 1.51 9.99
CA THR A 27 4.02 1.64 11.45
C THR A 27 3.64 0.36 12.15
N ALA A 28 2.68 -0.41 11.64
CA ALA A 28 2.34 -1.70 12.30
C ALA A 28 3.61 -2.57 12.34
N LEU A 29 4.38 -2.64 11.24
CA LEU A 29 5.60 -3.52 11.25
C LEU A 29 6.70 -2.89 12.14
N LEU A 30 6.79 -1.56 12.24
CA LEU A 30 7.78 -0.95 13.15
C LEU A 30 7.41 -1.28 14.61
N TYR A 31 6.14 -1.19 15.00
CA TYR A 31 5.82 -1.52 16.39
C TYR A 31 5.98 -3.01 16.69
N GLY A 32 6.00 -3.81 15.63
CA GLY A 32 6.26 -5.30 15.80
C GLY A 32 7.75 -5.56 15.93
N GLY A 33 8.57 -4.48 15.88
CA GLY A 33 10.01 -4.65 16.11
C GLY A 33 10.84 -4.86 14.84
N ALA A 34 10.26 -4.66 13.66
CA ALA A 34 11.06 -4.78 12.46
C ALA A 34 11.75 -3.45 12.02
N LYS A 35 12.87 -3.56 11.29
CA LYS A 35 13.40 -2.39 10.62
C LYS A 35 12.73 -2.33 9.25
N VAL A 36 12.14 -1.17 8.93
CA VAL A 36 11.34 -1.04 7.71
C VAL A 36 11.83 0.13 6.88
N ALA A 37 12.08 -0.12 5.59
CA ALA A 37 12.41 0.95 4.65
C ALA A 37 11.15 1.37 3.94
N VAL A 38 11.07 2.63 3.56
CA VAL A 38 9.96 3.09 2.76
C VAL A 38 10.52 3.77 1.51
N ILE A 39 10.06 3.36 0.32
CA ILE A 39 10.48 3.97 -0.96
C ILE A 39 9.19 4.42 -1.61
N ASP A 40 9.06 5.69 -1.95
CA ASP A 40 7.85 6.26 -2.55
C ASP A 40 8.12 6.53 -4.05
N LEU A 41 7.49 5.73 -4.95
CA LEU A 41 7.72 5.92 -6.36
C LEU A 41 6.70 6.88 -6.93
N ASP A 42 5.84 7.49 -6.07
CA ASP A 42 5.00 8.55 -6.61
C ASP A 42 5.82 9.84 -6.57
N LEU A 43 6.64 10.06 -7.59
CA LEU A 43 7.64 11.14 -7.55
C LEU A 43 6.99 12.48 -7.55
N ARG A 44 5.84 12.60 -8.22
CA ARG A 44 5.12 13.95 -8.27
C ARG A 44 4.44 14.31 -6.96
N GLN A 45 3.75 13.35 -6.33
CA GLN A 45 2.92 13.69 -5.15
C GLN A 45 3.60 13.30 -3.85
N ARG A 46 4.44 12.27 -3.87
CA ARG A 46 5.22 11.89 -2.65
C ARG A 46 4.41 11.75 -1.37
N THR A 47 3.18 11.20 -1.46
CA THR A 47 2.35 11.18 -0.26
C THR A 47 3.02 10.44 0.88
N SER A 48 3.61 9.26 0.61
CA SER A 48 4.21 8.49 1.73
C SER A 48 5.51 9.16 2.19
N ALA A 49 6.34 9.59 1.23
CA ALA A 49 7.57 10.23 1.68
C ALA A 49 7.29 11.46 2.50
N ARG A 50 6.31 12.27 2.06
CA ARG A 50 5.97 13.47 2.85
C ARG A 50 5.46 13.09 4.22
N PHE A 51 4.64 12.05 4.29
CA PHE A 51 4.12 11.60 5.57
C PHE A 51 5.30 11.40 6.53
N PHE A 52 6.35 10.67 6.07
CA PHE A 52 7.43 10.34 7.02
C PHE A 52 8.34 11.53 7.25
N GLU A 53 8.38 12.47 6.32
CA GLU A 53 9.08 13.79 6.61
C GLU A 53 8.29 14.55 7.70
N ASN A 54 6.95 14.49 7.63
CA ASN A 54 6.13 15.16 8.67
C ASN A 54 6.37 14.50 9.99
N ARG A 55 6.44 13.16 10.01
CA ARG A 55 6.61 12.41 11.28
C ARG A 55 7.95 12.84 11.92
N ARG A 56 9.03 12.89 11.11
CA ARG A 56 10.40 13.27 11.64
C ARG A 56 10.32 14.67 12.21
N ALA A 57 9.72 15.59 11.49
CA ALA A 57 9.65 17.00 11.91
C ALA A 57 8.78 17.14 13.18
N TRP A 58 7.67 16.43 13.25
CA TRP A 58 6.81 16.56 14.44
C TRP A 58 7.48 15.98 15.66
N LEU A 59 8.12 14.82 15.53
CA LEU A 59 8.82 14.18 16.65
C LEU A 59 10.02 15.00 17.09
N ASP A 60 10.70 15.63 16.16
CA ASP A 60 11.87 16.46 16.53
C ASP A 60 11.37 17.64 17.30
N ASN A 61 10.25 18.19 16.90
CA ASN A 61 9.77 19.38 17.57
C ASN A 61 9.19 19.08 18.94
N LYS A 62 8.51 17.94 19.09
CA LYS A 62 8.00 17.53 20.38
C LYS A 62 9.00 16.85 21.31
N LYS A 63 10.18 16.52 20.80
CA LYS A 63 11.12 15.68 21.53
C LYS A 63 10.48 14.40 22.08
N ILE A 64 9.64 13.71 21.27
CA ILE A 64 9.01 12.41 21.60
C ILE A 64 9.68 11.42 20.72
N GLU A 65 9.87 10.24 21.25
CA GLU A 65 10.49 9.14 20.48
C GLU A 65 9.39 8.14 20.05
N LEU A 66 9.25 7.92 18.75
CA LEU A 66 8.30 6.89 18.23
C LEU A 66 9.13 6.16 17.16
N PRO A 67 8.77 4.94 16.78
CA PRO A 67 9.58 4.24 15.76
C PRO A 67 9.45 4.99 14.43
N GLU A 68 10.48 4.95 13.61
CA GLU A 68 10.42 5.60 12.28
C GLU A 68 11.11 4.67 11.30
N PRO A 69 10.66 4.72 10.07
CA PRO A 69 11.23 3.80 9.06
C PRO A 69 12.50 4.48 8.50
N LEU A 70 13.25 3.72 7.69
CA LEU A 70 14.30 4.32 6.91
C LEU A 70 13.65 4.79 5.60
N ALA A 71 13.50 6.07 5.48
CA ALA A 71 12.81 6.67 4.33
C ALA A 71 13.87 6.98 3.30
N LEU A 72 13.75 6.41 2.09
CA LEU A 72 14.79 6.55 1.08
C LEU A 72 14.27 7.30 -0.11
N ASN A 73 14.96 8.41 -0.45
CA ASN A 73 14.60 9.13 -1.69
C ASN A 73 15.41 8.58 -2.87
N LEU A 74 14.92 8.76 -4.07
CA LEU A 74 15.60 8.20 -5.24
C LEU A 74 16.63 9.19 -5.76
N SER A 75 16.58 10.46 -5.35
CA SER A 75 17.54 11.47 -5.83
C SER A 75 17.57 12.61 -4.82
N ASP A 76 18.37 13.63 -5.14
CA ASP A 76 18.35 14.87 -4.33
C ASP A 76 17.08 15.69 -4.43
N ASN A 77 16.24 15.45 -5.46
CA ASN A 77 14.97 16.15 -5.54
C ASN A 77 14.03 15.27 -6.30
N ASP A 78 13.23 14.50 -5.58
CA ASP A 78 12.40 13.47 -6.29
C ASP A 78 11.28 14.12 -7.07
N VAL A 79 10.78 15.29 -6.63
CA VAL A 79 9.75 16.02 -7.45
C VAL A 79 10.34 16.36 -8.80
N ALA A 80 11.56 16.85 -8.83
CA ALA A 80 12.20 17.13 -10.12
C ALA A 80 12.47 15.84 -10.92
N LEU A 81 12.84 14.74 -10.24
CA LEU A 81 13.11 13.45 -10.88
C LEU A 81 11.86 12.96 -11.64
N ALA A 82 10.69 13.36 -11.25
CA ALA A 82 9.47 12.92 -11.94
C ALA A 82 9.48 13.30 -13.39
N GLU A 83 10.17 14.38 -13.70
CA GLU A 83 10.12 14.94 -15.07
C GLU A 83 11.35 14.50 -15.85
N ARG A 84 12.30 13.76 -15.25
CA ARG A 84 13.51 13.24 -15.91
C ARG A 84 13.28 11.97 -16.67
N PRO A 85 14.19 11.62 -17.59
CA PRO A 85 14.07 10.38 -18.31
C PRO A 85 13.93 9.15 -17.41
N GLU A 86 13.22 8.16 -17.90
CA GLU A 86 13.01 6.97 -17.04
C GLU A 86 14.31 6.25 -16.68
N GLU A 87 15.31 6.29 -17.54
CA GLU A 87 16.56 5.63 -17.21
C GLU A 87 17.15 6.29 -15.88
N GLU A 88 16.93 7.59 -15.65
CA GLU A 88 17.50 8.27 -14.42
C GLU A 88 16.60 7.83 -13.26
N GLN A 89 15.31 7.61 -13.54
CA GLN A 89 14.43 7.20 -12.43
C GLN A 89 14.76 5.78 -11.98
N VAL A 90 15.03 4.91 -12.97
CA VAL A 90 15.46 3.55 -12.65
C VAL A 90 16.77 3.52 -11.91
N ALA A 91 17.74 4.33 -12.32
CA ALA A 91 18.98 4.38 -11.55
C ALA A 91 18.81 4.77 -10.08
N GLY A 92 17.97 5.79 -9.82
CA GLY A 92 17.76 6.21 -8.44
C GLY A 92 17.07 5.07 -7.70
N PHE A 93 16.09 4.40 -8.34
CA PHE A 93 15.35 3.34 -7.64
C PHE A 93 16.29 2.23 -7.35
N GLU A 94 17.19 1.89 -8.26
CA GLU A 94 18.08 0.74 -7.95
C GLU A 94 18.98 1.09 -6.75
N ALA A 95 19.50 2.35 -6.67
CA ALA A 95 20.37 2.70 -5.53
C ALA A 95 19.57 2.65 -4.20
N ALA A 96 18.31 3.14 -4.22
CA ALA A 96 17.48 3.19 -2.98
C ALA A 96 17.20 1.75 -2.61
N PHE A 97 16.88 0.92 -3.58
CA PHE A 97 16.49 -0.47 -3.23
C PHE A 97 17.71 -1.21 -2.71
N ALA A 98 18.93 -0.93 -3.29
CA ALA A 98 20.10 -1.58 -2.75
C ALA A 98 20.37 -1.19 -1.31
N ARG A 99 20.16 0.09 -0.98
CA ARG A 99 20.30 0.49 0.45
C ARG A 99 19.29 -0.15 1.37
N ALA A 100 18.06 -0.18 0.92
CA ALA A 100 17.01 -0.74 1.76
C ALA A 100 17.29 -2.26 2.02
N MET A 101 17.79 -2.99 0.98
CA MET A 101 18.02 -4.47 1.04
C MET A 101 19.17 -4.73 2.01
N ALA A 102 20.11 -3.82 2.03
CA ALA A 102 21.26 -3.97 2.92
C ALA A 102 20.90 -3.72 4.39
N GLU A 103 19.86 -2.91 4.61
CA GLU A 103 19.55 -2.37 5.93
C GLU A 103 18.28 -2.83 6.69
N CYS A 104 17.29 -3.36 5.98
CA CYS A 104 16.00 -3.53 6.56
C CYS A 104 15.42 -4.92 6.46
N ASP A 105 14.46 -5.20 7.31
CA ASP A 105 13.74 -6.49 7.29
C ASP A 105 12.58 -6.49 6.33
N PHE A 106 11.87 -5.36 6.22
CA PHE A 106 10.78 -5.19 5.26
C PHE A 106 11.07 -3.95 4.44
N ILE A 107 10.73 -3.99 3.16
CA ILE A 107 10.88 -2.83 2.29
C ILE A 107 9.47 -2.60 1.76
N LEU A 108 8.93 -1.44 2.07
CA LEU A 108 7.58 -1.10 1.64
C LEU A 108 7.73 -0.08 0.50
N ILE A 109 7.14 -0.38 -0.67
CA ILE A 109 7.28 0.51 -1.81
C ILE A 109 5.88 1.00 -2.16
N ASP A 110 5.66 2.32 -2.14
CA ASP A 110 4.34 2.90 -2.50
C ASP A 110 4.48 3.32 -3.95
N THR A 111 3.47 2.99 -4.76
CA THR A 111 3.55 3.29 -6.19
C THR A 111 2.39 4.21 -6.59
N PRO A 112 2.55 5.03 -7.66
CA PRO A 112 1.47 5.95 -8.03
C PRO A 112 0.47 5.27 -8.96
N GLY A 113 -0.58 5.95 -9.38
CA GLY A 113 -1.39 5.30 -10.48
C GLY A 113 -0.61 5.33 -11.77
N GLY A 114 -1.04 4.55 -12.75
CA GLY A 114 -0.38 4.70 -14.03
C GLY A 114 0.71 3.67 -14.12
N ASP A 115 1.38 3.70 -15.24
CA ASP A 115 2.38 2.71 -15.54
C ASP A 115 3.70 3.51 -15.68
N SER A 116 4.79 2.93 -15.22
CA SER A 116 6.10 3.56 -15.40
C SER A 116 7.09 2.44 -15.26
N ALA A 117 8.32 2.64 -15.74
CA ALA A 117 9.35 1.58 -15.62
C ALA A 117 9.54 1.26 -14.13
N ILE A 118 9.59 2.30 -13.25
CA ILE A 118 9.97 1.96 -11.86
C ILE A 118 8.85 1.20 -11.17
N THR A 119 7.58 1.52 -11.52
CA THR A 119 6.46 0.75 -10.93
C THR A 119 6.51 -0.70 -11.43
N ARG A 120 6.78 -0.89 -12.74
CA ARG A 120 6.93 -2.27 -13.23
C ARG A 120 8.02 -3.04 -12.49
N MET A 121 9.19 -2.38 -12.33
CA MET A 121 10.33 -3.02 -11.64
C MET A 121 9.94 -3.36 -10.20
N ALA A 122 9.23 -2.43 -9.51
CA ALA A 122 8.95 -2.70 -8.10
C ALA A 122 8.05 -3.91 -8.03
N HIS A 123 7.02 -3.97 -8.87
CA HIS A 123 6.08 -5.13 -8.75
C HIS A 123 6.81 -6.43 -9.11
N GLY A 124 7.78 -6.35 -10.04
CA GLY A 124 8.62 -7.55 -10.34
C GLY A 124 9.43 -8.04 -9.15
N ARG A 125 9.83 -7.16 -8.19
CA ARG A 125 10.64 -7.57 -7.07
C ARG A 125 9.81 -7.88 -5.82
N ALA A 126 8.48 -7.80 -5.93
CA ALA A 126 7.61 -7.90 -4.74
C ALA A 126 7.59 -9.34 -4.19
N ASP A 127 7.53 -9.49 -2.88
CA ASP A 127 7.09 -10.72 -2.29
C ASP A 127 5.61 -10.70 -1.98
N LEU A 128 5.08 -9.49 -1.73
CA LEU A 128 3.63 -9.34 -1.48
C LEU A 128 3.22 -8.10 -2.25
N VAL A 129 2.20 -8.21 -3.10
CA VAL A 129 1.59 -7.03 -3.73
C VAL A 129 0.27 -6.77 -2.98
N VAL A 130 0.08 -5.54 -2.52
CA VAL A 130 -1.16 -5.16 -1.84
C VAL A 130 -1.86 -4.14 -2.72
N THR A 131 -3.10 -4.41 -3.09
CA THR A 131 -3.80 -3.55 -4.05
C THR A 131 -5.10 -3.06 -3.34
N PRO A 132 -5.06 -1.85 -2.78
CA PRO A 132 -6.28 -1.30 -2.15
C PRO A 132 -7.33 -1.02 -3.25
N MET A 133 -8.59 -1.35 -2.97
CA MET A 133 -9.63 -1.25 -3.98
CA MET A 133 -9.59 -1.15 -3.99
C MET A 133 -10.94 -0.85 -3.25
N ASN A 134 -11.59 0.22 -3.65
CA ASN A 134 -12.91 0.49 -3.09
C ASN A 134 -13.94 -0.50 -3.51
N ASP A 135 -14.93 -0.76 -2.65
CA ASP A 135 -15.96 -1.79 -2.94
C ASP A 135 -17.04 -1.18 -3.88
N SER A 136 -16.75 -1.06 -5.18
CA SER A 136 -17.75 -0.54 -6.13
C SER A 136 -17.46 -1.10 -7.51
N PHE A 137 -18.51 -1.12 -8.33
CA PHE A 137 -18.34 -1.74 -9.68
C PHE A 137 -17.33 -1.00 -10.52
N VAL A 138 -17.37 0.33 -10.46
CA VAL A 138 -16.43 1.12 -11.26
C VAL A 138 -15.01 0.79 -10.80
N ASP A 139 -14.80 0.69 -9.50
CA ASP A 139 -13.43 0.43 -9.03
C ASP A 139 -12.92 -0.92 -9.49
N PHE A 140 -13.84 -1.93 -9.52
CA PHE A 140 -13.35 -3.30 -9.88
C PHE A 140 -12.80 -3.34 -11.30
N ASP A 141 -13.23 -2.42 -12.14
CA ASP A 141 -12.68 -2.40 -13.53
C ASP A 141 -11.17 -2.13 -13.55
N MET A 142 -10.63 -1.62 -12.44
CA MET A 142 -9.16 -1.51 -12.37
C MET A 142 -8.45 -2.81 -12.17
N LEU A 143 -9.18 -3.90 -11.94
CA LEU A 143 -8.60 -5.29 -11.91
C LEU A 143 -8.88 -5.92 -13.24
N GLY A 144 -10.13 -5.79 -13.73
CA GLY A 144 -10.39 -6.31 -15.08
C GLY A 144 -11.85 -6.06 -15.35
N THR A 145 -12.23 -6.04 -16.65
CA THR A 145 -13.66 -6.02 -17.04
C THR A 145 -14.18 -7.46 -17.13
N VAL A 146 -15.47 -7.67 -16.87
CA VAL A 146 -16.04 -9.03 -16.90
C VAL A 146 -17.31 -8.98 -17.71
N ASP A 147 -17.71 -10.17 -18.18
CA ASP A 147 -18.98 -10.24 -18.90
C ASP A 147 -20.09 -10.03 -17.84
N PRO A 148 -21.06 -9.12 -18.14
CA PRO A 148 -22.08 -8.83 -17.14
C PRO A 148 -23.02 -10.01 -16.80
N VAL A 149 -23.10 -10.99 -17.67
CA VAL A 149 -23.96 -12.13 -17.36
C VAL A 149 -23.21 -13.24 -16.70
N THR A 150 -22.02 -13.60 -17.23
CA THR A 150 -21.36 -14.81 -16.68
C THR A 150 -20.31 -14.46 -15.61
N LEU A 151 -19.93 -13.17 -15.64
CA LEU A 151 -18.88 -12.63 -14.73
C LEU A 151 -17.51 -13.19 -15.07
N GLU A 152 -17.40 -13.77 -16.25
CA GLU A 152 -16.03 -14.16 -16.70
C GLU A 152 -15.18 -12.98 -17.14
N LEU A 153 -13.85 -13.02 -16.79
CA LEU A 153 -12.91 -11.96 -17.23
C LEU A 153 -12.93 -11.78 -18.76
N THR A 154 -13.15 -10.57 -19.28
CA THR A 154 -12.99 -10.38 -20.70
C THR A 154 -11.66 -9.65 -20.98
N LYS A 155 -11.16 -8.83 -20.05
CA LYS A 155 -9.86 -8.14 -20.31
C LYS A 155 -9.27 -7.72 -18.96
N PRO A 156 -8.07 -8.20 -18.64
CA PRO A 156 -7.47 -7.75 -17.38
C PRO A 156 -7.01 -6.31 -17.54
N SER A 157 -6.91 -5.51 -16.45
CA SER A 157 -6.39 -4.16 -16.60
C SER A 157 -4.90 -4.20 -16.84
N LEU A 158 -4.33 -3.03 -17.18
CA LEU A 158 -2.88 -2.98 -17.36
C LEU A 158 -2.23 -3.26 -15.98
N TYR A 159 -2.85 -2.74 -14.90
CA TYR A 159 -2.33 -3.10 -13.56
C TYR A 159 -2.24 -4.63 -13.34
N SER A 160 -3.32 -5.35 -13.58
CA SER A 160 -3.28 -6.76 -13.38
C SER A 160 -2.26 -7.43 -14.30
N LEU A 161 -2.18 -6.98 -15.56
CA LEU A 161 -1.16 -7.58 -16.51
C LEU A 161 0.23 -7.40 -15.92
N THR A 162 0.50 -6.30 -15.19
CA THR A 162 1.86 -6.05 -14.66
C THR A 162 2.12 -7.08 -13.52
N VAL A 163 1.09 -7.35 -12.69
CA VAL A 163 1.29 -8.30 -11.61
C VAL A 163 1.47 -9.67 -12.25
N TRP A 164 0.66 -10.00 -13.27
CA TRP A 164 0.83 -11.32 -13.96
C TRP A 164 2.25 -11.45 -14.51
N GLU A 165 2.83 -10.38 -15.06
CA GLU A 165 4.17 -10.49 -15.63
C GLU A 165 5.19 -10.70 -14.51
N GLY A 166 5.01 -10.02 -13.36
CA GLY A 166 5.92 -10.31 -12.20
C GLY A 166 5.83 -11.77 -11.80
N ARG A 167 4.62 -12.35 -11.82
CA ARG A 167 4.48 -13.75 -11.35
C ARG A 167 5.10 -14.67 -12.38
N LYS A 168 4.91 -14.38 -13.66
CA LYS A 168 5.47 -15.16 -14.70
C LYS A 168 7.01 -15.16 -14.58
N GLN A 169 7.59 -14.00 -14.39
CA GLN A 169 9.07 -13.97 -14.36
C GLN A 169 9.61 -14.63 -13.07
N ARG A 170 8.84 -14.50 -12.00
CA ARG A 170 9.28 -15.09 -10.75
C ARG A 170 9.27 -16.63 -10.93
N ALA A 171 8.27 -17.20 -11.65
CA ALA A 171 8.21 -18.65 -11.99
C ALA A 171 9.35 -19.09 -12.90
N LEU A 172 9.66 -18.29 -13.90
CA LEU A 172 10.69 -18.68 -14.85
C LEU A 172 12.08 -18.53 -14.30
N SER A 173 12.24 -17.79 -13.25
CA SER A 173 13.59 -17.72 -12.69
C SER A 173 13.85 -18.78 -11.62
N GLY A 174 12.87 -19.03 -10.78
CA GLY A 174 12.96 -19.97 -9.66
C GLY A 174 14.17 -19.65 -8.82
N GLN A 175 14.22 -18.45 -8.22
CA GLN A 175 15.20 -18.22 -7.20
C GLN A 175 14.55 -17.71 -5.97
N ARG A 176 13.35 -17.15 -6.09
CA ARG A 176 12.62 -16.65 -4.89
C ARG A 176 11.28 -17.29 -4.86
N GLN A 177 10.64 -17.23 -3.69
CA GLN A 177 9.36 -17.87 -3.47
C GLN A 177 8.27 -17.11 -4.31
N ALA A 178 7.22 -17.81 -4.67
CA ALA A 178 6.06 -17.23 -5.30
C ALA A 178 5.62 -15.94 -4.62
N MET A 179 5.15 -15.00 -5.38
CA MET A 179 4.71 -13.74 -4.80
C MET A 179 3.25 -13.83 -4.41
N ASP A 180 2.90 -13.24 -3.27
CA ASP A 180 1.50 -13.27 -2.83
C ASP A 180 0.83 -11.98 -3.39
N TRP A 181 -0.49 -11.98 -3.65
CA TRP A 181 -1.17 -10.79 -4.15
C TRP A 181 -2.45 -10.70 -3.43
N VAL A 182 -2.65 -9.64 -2.65
CA VAL A 182 -3.91 -9.46 -1.91
C VAL A 182 -4.56 -8.15 -2.37
N VAL A 183 -5.83 -8.23 -2.76
CA VAL A 183 -6.62 -7.03 -3.01
C VAL A 183 -7.28 -6.72 -1.68
N LEU A 184 -7.15 -5.47 -1.22
CA LEU A 184 -7.78 -5.08 0.06
C LEU A 184 -9.01 -4.31 -0.30
N ARG A 185 -10.17 -4.86 0.04
CA ARG A 185 -11.44 -4.25 -0.33
C ARG A 185 -11.87 -3.26 0.78
N ASN A 186 -11.89 -1.97 0.44
CA ASN A 186 -12.31 -0.96 1.41
C ASN A 186 -13.83 -0.86 1.31
N ARG A 187 -14.50 -1.11 2.44
CA ARG A 187 -15.95 -0.84 2.43
C ARG A 187 -16.25 0.63 2.30
N LEU A 188 -17.35 0.95 1.61
CA LEU A 188 -17.79 2.33 1.38
C LEU A 188 -19.06 2.58 2.12
N ALA A 189 -19.17 3.77 2.71
CA ALA A 189 -20.40 4.08 3.46
C ALA A 189 -21.59 4.23 2.49
N THR A 190 -21.31 4.56 1.22
CA THR A 190 -22.37 4.75 0.23
C THR A 190 -22.84 3.44 -0.42
N THR A 191 -22.20 2.29 -0.14
CA THR A 191 -22.66 1.10 -0.88
C THR A 191 -24.07 0.76 -0.56
N GLU A 192 -24.88 0.55 -1.59
CA GLU A 192 -26.30 0.26 -1.37
C GLU A 192 -26.53 -1.22 -1.05
N ALA A 193 -27.47 -1.52 -0.12
CA ALA A 193 -27.69 -2.92 0.23
C ALA A 193 -28.12 -3.73 -0.95
N ARG A 194 -28.86 -3.15 -1.92
CA ARG A 194 -29.34 -3.90 -3.09
C ARG A 194 -28.14 -4.42 -3.93
N ASN A 195 -26.96 -3.84 -3.77
CA ASN A 195 -25.79 -4.25 -4.58
C ASN A 195 -24.84 -5.20 -3.87
N ARG A 196 -25.10 -5.51 -2.58
CA ARG A 196 -24.09 -6.27 -1.86
C ARG A 196 -23.82 -7.64 -2.53
N LYS A 197 -24.89 -8.37 -2.93
CA LYS A 197 -24.64 -9.75 -3.46
C LYS A 197 -23.88 -9.60 -4.81
N ARG A 198 -24.23 -8.63 -5.64
CA ARG A 198 -23.59 -8.48 -7.01
C ARG A 198 -22.13 -8.09 -6.81
N LEU A 199 -21.88 -7.22 -5.82
CA LEU A 199 -20.43 -6.79 -5.60
C LEU A 199 -19.59 -8.01 -5.09
N GLU A 200 -20.15 -8.75 -4.15
CA GLU A 200 -19.48 -9.95 -3.60
C GLU A 200 -19.18 -10.92 -4.75
N ASP A 201 -20.17 -11.19 -5.58
CA ASP A 201 -19.99 -12.13 -6.69
C ASP A 201 -18.98 -11.65 -7.68
N ARG A 202 -19.02 -10.37 -8.04
CA ARG A 202 -18.06 -9.85 -9.03
C ARG A 202 -16.65 -9.95 -8.51
N LEU A 203 -16.41 -9.54 -7.23
CA LEU A 203 -14.97 -9.56 -6.75
C LEU A 203 -14.54 -11.02 -6.63
N ASN A 204 -15.43 -11.94 -6.16
CA ASN A 204 -14.97 -13.33 -6.13
C ASN A 204 -14.68 -13.90 -7.52
N ALA A 205 -15.44 -13.50 -8.54
CA ALA A 205 -15.25 -13.98 -9.96
C ALA A 205 -13.86 -13.44 -10.45
N LEU A 206 -13.57 -12.17 -10.14
CA LEU A 206 -12.29 -11.58 -10.48
C LEU A 206 -11.17 -12.29 -9.72
N ALA A 207 -11.32 -12.58 -8.44
CA ALA A 207 -10.22 -13.19 -7.69
C ALA A 207 -9.87 -14.47 -8.36
N LYS A 208 -10.89 -15.25 -8.72
CA LYS A 208 -10.63 -16.58 -9.34
C LYS A 208 -9.89 -16.49 -10.66
N ARG A 209 -10.30 -15.57 -11.50
CA ARG A 209 -9.72 -15.50 -12.90
C ARG A 209 -8.48 -14.61 -13.02
N VAL A 210 -8.37 -13.61 -12.14
CA VAL A 210 -7.18 -12.78 -12.09
C VAL A 210 -6.11 -13.31 -11.16
N GLY A 211 -6.50 -14.04 -10.12
CA GLY A 211 -5.55 -14.76 -9.23
C GLY A 211 -5.08 -14.01 -8.01
N PHE A 212 -5.87 -13.14 -7.49
CA PHE A 212 -5.53 -12.53 -6.22
C PHE A 212 -6.39 -13.14 -5.10
N ARG A 213 -6.01 -12.89 -3.85
CA ARG A 213 -6.90 -13.20 -2.76
C ARG A 213 -7.44 -11.94 -2.15
N ILE A 214 -8.53 -12.03 -1.44
CA ILE A 214 -9.19 -10.80 -0.96
C ILE A 214 -8.95 -10.67 0.51
N GLY A 215 -8.64 -9.43 0.95
CA GLY A 215 -8.61 -9.10 2.36
C GLY A 215 -9.39 -7.84 2.58
N PRO A 216 -9.62 -7.48 3.86
CA PRO A 216 -10.39 -6.27 4.19
C PRO A 216 -9.46 -5.06 4.28
N GLY A 217 -9.93 -3.93 3.76
CA GLY A 217 -9.16 -2.68 3.66
C GLY A 217 -9.65 -1.74 4.80
N LEU A 218 -9.49 -0.46 4.59
CA LEU A 218 -9.81 0.59 5.54
C LEU A 218 -10.94 1.45 5.02
N ARG A 219 -12.00 1.58 5.83
CA ARG A 219 -13.08 2.58 5.48
C ARG A 219 -12.49 3.97 5.58
N ASP A 220 -12.91 4.89 4.70
CA ASP A 220 -12.41 6.27 4.78
C ASP A 220 -12.91 6.89 6.07
N ARG A 221 -12.01 7.63 6.76
CA ARG A 221 -12.41 8.29 8.01
C ARG A 221 -11.67 9.60 8.05
N VAL A 222 -12.30 10.60 8.65
CA VAL A 222 -11.62 11.96 8.75
C VAL A 222 -10.36 11.88 9.59
N ILE A 223 -10.27 10.95 10.53
CA ILE A 223 -9.08 10.92 11.41
C ILE A 223 -7.77 10.72 10.60
N TYR A 224 -7.83 9.94 9.50
CA TYR A 224 -6.55 9.69 8.78
C TYR A 224 -6.06 11.02 8.21
N ARG A 225 -6.99 11.83 7.67
CA ARG A 225 -6.62 13.11 7.12
C ARG A 225 -6.14 14.12 8.16
N GLU A 226 -6.72 14.05 9.35
CA GLU A 226 -6.33 14.96 10.46
C GLU A 226 -4.91 14.61 10.93
N LEU A 227 -4.58 13.31 10.92
CA LEU A 227 -3.26 12.84 11.40
C LEU A 227 -2.15 13.02 10.36
N PHE A 228 -2.46 13.00 9.08
CA PHE A 228 -1.46 13.09 8.04
C PHE A 228 -0.41 14.20 8.21
N PRO A 229 -0.82 15.43 8.51
CA PRO A 229 0.19 16.48 8.53
C PRO A 229 1.18 16.31 9.69
N PHE A 230 0.86 15.45 10.66
CA PHE A 230 1.79 15.18 11.75
C PHE A 230 2.63 13.94 11.48
N GLY A 231 2.34 13.20 10.41
CA GLY A 231 3.11 11.97 10.15
C GLY A 231 2.73 10.89 11.17
N LEU A 232 1.49 10.92 11.64
CA LEU A 232 1.05 9.95 12.69
C LEU A 232 0.01 8.99 12.09
N THR A 233 -0.04 7.79 12.63
CA THR A 233 -1.02 6.79 12.26
C THR A 233 -1.90 6.49 13.47
N ILE A 234 -2.97 5.72 13.21
CA ILE A 234 -3.79 5.33 14.40
C ILE A 234 -3.02 4.51 15.37
N ALA A 235 -2.01 3.76 14.91
CA ALA A 235 -1.19 2.91 15.81
C ALA A 235 -0.33 3.71 16.79
N ASP A 236 -0.16 5.04 16.55
CA ASP A 236 0.75 5.90 17.34
C ASP A 236 -0.04 6.51 18.51
N LEU A 237 -1.40 6.54 18.47
CA LEU A 237 -2.15 7.38 19.39
C LEU A 237 -2.05 6.70 20.78
N SER A 238 -1.84 7.54 21.79
CA SER A 238 -1.66 7.04 23.14
C SER A 238 -1.81 8.24 24.06
N PRO A 239 -1.72 8.04 25.37
CA PRO A 239 -1.76 9.22 26.21
C PRO A 239 -0.59 10.16 26.03
N GLN A 240 0.49 9.72 25.39
CA GLN A 240 1.64 10.60 25.16
C GLN A 240 1.57 11.22 23.77
N VAL A 241 0.76 10.67 22.86
CA VAL A 241 0.72 11.17 21.47
C VAL A 241 -0.72 11.42 21.11
N ARG A 242 -1.11 12.71 21.10
CA ARG A 242 -2.54 12.94 20.79
C ARG A 242 -2.61 14.35 20.22
N PRO A 243 -2.23 14.47 18.98
CA PRO A 243 -2.00 15.70 18.26
C PRO A 243 -3.34 16.34 17.84
N VAL A 244 -4.47 15.66 18.04
CA VAL A 244 -5.75 16.26 17.74
C VAL A 244 -6.70 16.06 18.92
N PRO A 245 -7.85 16.75 18.92
CA PRO A 245 -8.74 16.59 20.12
C PRO A 245 -9.10 15.08 20.32
N VAL A 246 -9.08 14.61 21.58
CA VAL A 246 -9.31 13.20 21.86
C VAL A 246 -10.72 12.86 21.38
N SER A 247 -10.87 11.62 20.85
CA SER A 247 -12.15 11.16 20.33
C SER A 247 -12.04 9.70 20.41
N LEU A 248 -13.11 9.01 20.01
CA LEU A 248 -13.11 7.51 20.00
C LEU A 248 -13.05 7.10 18.56
N GLN A 249 -12.68 8.08 17.70
CA GLN A 249 -12.83 7.87 16.26
C GLN A 249 -11.75 6.92 15.73
N HIS A 250 -10.83 6.46 16.55
CA HIS A 250 -9.76 5.62 16.17
C HIS A 250 -10.11 4.12 16.52
N LEU A 251 -11.15 3.83 17.30
CA LEU A 251 -11.30 2.43 17.74
C LEU A 251 -11.70 1.49 16.60
N ALA A 252 -12.66 1.92 15.75
CA ALA A 252 -13.08 1.01 14.65
C ALA A 252 -11.91 0.90 13.68
N ALA A 253 -11.18 1.99 13.50
CA ALA A 253 -10.04 1.97 12.56
C ALA A 253 -8.98 0.98 13.08
N ARG A 254 -8.70 0.97 14.40
CA ARG A 254 -7.73 0.06 14.93
C ARG A 254 -8.19 -1.38 14.68
N GLN A 255 -9.47 -1.66 14.87
CA GLN A 255 -9.96 -3.04 14.56
C GLN A 255 -9.79 -3.41 13.05
N GLU A 256 -10.12 -2.44 12.18
CA GLU A 256 -9.96 -2.71 10.71
C GLU A 256 -8.47 -2.98 10.41
N LEU A 257 -7.57 -2.21 11.02
CA LEU A 257 -6.16 -2.42 10.72
C LEU A 257 -5.69 -3.81 11.18
N ARG A 258 -6.17 -4.31 12.33
CA ARG A 258 -5.79 -5.68 12.78
C ARG A 258 -6.24 -6.67 11.79
N ALA A 259 -7.46 -6.55 11.30
CA ALA A 259 -7.99 -7.54 10.28
C ALA A 259 -7.26 -7.47 8.97
N LEU A 260 -6.86 -6.25 8.63
CA LEU A 260 -6.14 -6.05 7.36
C LEU A 260 -4.74 -6.75 7.47
N MET A 261 -4.01 -6.46 8.54
CA MET A 261 -2.66 -7.03 8.72
C MET A 261 -2.78 -8.55 8.79
N HIS A 262 -3.85 -9.10 9.41
CA HIS A 262 -4.01 -10.56 9.51
C HIS A 262 -4.16 -11.13 8.12
N SER A 263 -4.92 -10.45 7.25
CA SER A 263 -5.13 -11.00 5.89
C SER A 263 -3.83 -11.04 5.06
N LEU A 264 -2.88 -10.12 5.36
CA LEU A 264 -1.61 -10.07 4.61
C LEU A 264 -0.67 -11.13 5.08
N GLY A 265 -1.00 -11.86 6.15
CA GLY A 265 -0.03 -12.82 6.66
C GLY A 265 0.89 -12.16 7.68
N LEU A 266 0.58 -10.95 8.13
CA LEU A 266 1.58 -10.24 8.89
C LEU A 266 1.20 -10.07 10.38
N SER A 267 0.18 -10.80 10.90
CA SER A 267 -0.18 -10.60 12.32
C SER A 267 1.01 -10.87 13.28
N ALA A 268 1.82 -11.91 13.00
CA ALA A 268 2.97 -12.19 13.91
C ALA A 268 4.04 -11.12 13.95
N TYR A 269 4.00 -10.21 12.95
CA TYR A 269 5.00 -9.20 12.79
C TYR A 269 4.41 -7.82 13.10
N SER A 270 3.13 -7.71 13.50
CA SER A 270 2.55 -6.35 13.64
C SER A 270 2.41 -6.03 15.09
N GLY A 271 2.48 -4.76 15.45
CA GLY A 271 2.17 -4.34 16.76
C GLY A 271 1.47 -2.98 16.73
N GLU A 272 1.29 -2.41 17.92
CA GLU A 272 0.84 -0.97 17.96
C GLU A 272 1.42 -0.41 19.25
N THR A 273 1.25 0.89 19.48
CA THR A 273 2.00 1.55 20.59
C THR A 273 1.59 0.90 22.00
#